data_5CLI
#
_entry.id   5CLI
#
_cell.length_a   99.199
_cell.length_b   99.199
_cell.length_c   164.389
_cell.angle_alpha   90.00
_cell.angle_beta   90.00
_cell.angle_gamma   90.00
#
_symmetry.space_group_name_H-M   'I 4 2 2'
#
loop_
_entity.id
_entity.type
_entity.pdbx_description
1 polymer 'N5-carboxyaminoimidazole ribonucleotide mutase'
2 non-polymer '5-AMINOIMIDAZOLE RIBONUCLEOTIDE'
3 water water
#
_entity_poly.entity_id   1
_entity_poly.type   'polypeptide(L)'
_entity_poly.pdbx_seq_one_letter_code
;MMSETAPLPSASSALEDKAASAPVVGIIMGSQSDWETMRHADALLTELEIPHETLIVSAHRTPDRLADYARTAAERGLNV
IIAGAGGAAHLPGMCAAWTRLPVLGVPVESRALKGMDSLLSIVQMPGGVPVGTLAIGASGAKNAALLAASILALYNPALA
ARLETWRALQTASVPNSPITEDK
;
_entity_poly.pdbx_strand_id   A,B
#
loop_
_chem_comp.id
_chem_comp.type
_chem_comp.name
_chem_comp.formula
AIR non-polymer '5-AMINOIMIDAZOLE RIBONUCLEOTIDE' 'C8 H14 N3 O7 P'
#
# COMPACT_ATOMS: atom_id res chain seq x y z
N SER A 21 2.75 -23.69 10.73
CA SER A 21 3.58 -23.12 9.67
C SER A 21 4.00 -21.69 10.05
N ALA A 22 5.23 -21.32 9.65
CA ALA A 22 5.82 -20.04 10.04
C ALA A 22 5.05 -18.83 9.45
N PRO A 23 4.79 -17.81 10.28
CA PRO A 23 4.00 -16.68 9.77
C PRO A 23 4.75 -15.91 8.68
N VAL A 24 4.04 -15.47 7.65
CA VAL A 24 4.63 -14.63 6.61
C VAL A 24 4.00 -13.23 6.62
N VAL A 25 2.95 -13.06 7.42
CA VAL A 25 2.39 -11.73 7.66
C VAL A 25 2.26 -11.53 9.16
N GLY A 26 2.68 -10.37 9.63
CA GLY A 26 2.41 -9.97 10.99
C GLY A 26 1.30 -8.93 11.01
N ILE A 27 0.23 -9.21 11.75
CA ILE A 27 -0.77 -8.18 12.08
C ILE A 27 -0.47 -7.64 13.46
N ILE A 28 -0.24 -6.34 13.54
CA ILE A 28 -0.02 -5.70 14.83
C ILE A 28 -0.98 -4.55 14.99
N MET A 29 -1.38 -4.31 16.23
CA MET A 29 -2.37 -3.28 16.51
C MET A 29 -2.05 -2.63 17.85
N GLY A 30 -2.43 -1.37 17.97
CA GLY A 30 -2.01 -0.57 19.08
C GLY A 30 -2.68 -0.92 20.38
N SER A 31 -3.84 -1.56 20.32
N SER A 31 -3.84 -1.57 20.31
CA SER A 31 -4.51 -1.97 21.55
CA SER A 31 -4.61 -1.86 21.50
C SER A 31 -5.60 -3.00 21.30
C SER A 31 -5.65 -2.96 21.29
N GLN A 32 -6.08 -3.60 22.38
CA GLN A 32 -7.23 -4.51 22.33
C GLN A 32 -8.44 -3.84 21.66
N SER A 33 -8.59 -2.54 21.88
CA SER A 33 -9.76 -1.83 21.36
C SER A 33 -9.73 -1.78 19.82
N ASP A 34 -8.57 -1.98 19.22
CA ASP A 34 -8.44 -2.05 17.76
C ASP A 34 -8.86 -3.41 17.19
N TRP A 35 -9.02 -4.41 18.05
CA TRP A 35 -9.25 -5.77 17.54
C TRP A 35 -10.57 -5.89 16.77
N GLU A 36 -11.60 -5.18 17.21
CA GLU A 36 -12.88 -5.22 16.52
C GLU A 36 -12.73 -4.85 15.04
N THR A 37 -11.75 -3.99 14.76
CA THR A 37 -11.41 -3.63 13.40
C THR A 37 -10.43 -4.61 12.75
N MET A 38 -9.34 -4.91 13.46
CA MET A 38 -8.25 -5.68 12.86
C MET A 38 -8.57 -7.19 12.70
N ARG A 39 -9.57 -7.69 13.41
CA ARG A 39 -10.00 -9.05 13.22
C ARG A 39 -10.39 -9.32 11.75
N HIS A 40 -10.81 -8.29 11.04
CA HIS A 40 -11.18 -8.47 9.65
C HIS A 40 -9.97 -8.81 8.78
N ALA A 41 -8.82 -8.29 9.16
CA ALA A 41 -7.58 -8.66 8.46
C ALA A 41 -7.20 -10.10 8.78
N ASP A 42 -7.29 -10.44 10.07
CA ASP A 42 -7.02 -11.80 10.53
C ASP A 42 -7.90 -12.80 9.80
N ALA A 43 -9.19 -12.52 9.73
CA ALA A 43 -10.12 -13.49 9.13
C ALA A 43 -9.81 -13.70 7.65
N LEU A 44 -9.49 -12.62 6.94
CA LEU A 44 -9.21 -12.72 5.52
C LEU A 44 -7.96 -13.56 5.28
N LEU A 45 -6.91 -13.31 6.05
CA LEU A 45 -5.67 -14.07 5.90
C LEU A 45 -5.93 -15.55 6.16
N THR A 46 -6.76 -15.84 7.14
CA THR A 46 -7.06 -17.24 7.45
C THR A 46 -7.86 -17.86 6.30
N GLU A 47 -8.80 -17.12 5.74
CA GLU A 47 -9.60 -17.60 4.61
C GLU A 47 -8.73 -18.00 3.43
N LEU A 48 -7.70 -17.20 3.15
CA LEU A 48 -6.78 -17.48 2.07
C LEU A 48 -5.62 -18.44 2.46
N GLU A 49 -5.66 -18.95 3.69
CA GLU A 49 -4.64 -19.84 4.25
C GLU A 49 -3.23 -19.26 4.20
N ILE A 50 -3.13 -18.01 4.65
CA ILE A 50 -1.85 -17.31 4.77
C ILE A 50 -1.45 -17.37 6.25
N PRO A 51 -0.39 -18.12 6.57
CA PRO A 51 0.07 -18.15 7.96
C PRO A 51 0.51 -16.78 8.46
N HIS A 52 0.08 -16.43 9.67
CA HIS A 52 0.27 -15.07 10.15
C HIS A 52 0.20 -15.06 11.68
N GLU A 53 0.77 -14.02 12.27
CA GLU A 53 0.69 -13.81 13.72
C GLU A 53 -0.08 -12.53 13.94
N THR A 54 -0.75 -12.46 15.07
CA THR A 54 -1.63 -11.34 15.42
C THR A 54 -1.28 -10.87 16.82
N LEU A 55 -0.78 -9.66 16.91
CA LEU A 55 -0.17 -9.15 18.15
C LEU A 55 -0.65 -7.76 18.50
N ILE A 56 -0.63 -7.43 19.79
CA ILE A 56 -0.79 -6.05 20.24
C ILE A 56 0.62 -5.48 20.44
N VAL A 57 0.86 -4.32 19.85
CA VAL A 57 2.12 -3.59 19.96
C VAL A 57 1.73 -2.11 19.96
N SER A 58 1.99 -1.42 21.05
CA SER A 58 1.69 0.01 21.11
C SER A 58 2.92 0.85 20.82
N ALA A 59 2.85 1.75 19.83
CA ALA A 59 4.00 2.61 19.52
C ALA A 59 4.40 3.44 20.74
N HIS A 60 3.41 3.83 21.52
CA HIS A 60 3.63 4.80 22.59
C HIS A 60 3.76 4.15 23.98
N ARG A 61 2.97 3.11 24.24
CA ARG A 61 3.02 2.41 25.53
C ARG A 61 4.07 1.28 25.56
N THR A 62 4.39 0.72 24.38
CA THR A 62 5.43 -0.32 24.30
C THR A 62 6.42 -0.05 23.16
N PRO A 63 7.15 1.08 23.24
CA PRO A 63 7.98 1.50 22.11
C PRO A 63 9.16 0.54 21.83
N ASP A 64 9.73 -0.04 22.89
CA ASP A 64 10.83 -0.99 22.70
C ASP A 64 10.34 -2.32 22.16
N ARG A 65 9.14 -2.73 22.57
CA ARG A 65 8.49 -3.89 21.97
C ARG A 65 8.33 -3.67 20.45
N LEU A 66 7.86 -2.49 20.07
CA LEU A 66 7.78 -2.17 18.65
C LEU A 66 9.14 -2.18 17.94
N ALA A 67 10.14 -1.47 18.49
CA ALA A 67 11.48 -1.47 17.89
C ALA A 67 11.96 -2.89 17.63
N ASP A 68 11.88 -3.75 18.64
CA ASP A 68 12.34 -5.13 18.50
C ASP A 68 11.54 -5.93 17.45
N TYR A 69 10.21 -5.76 17.48
CA TYR A 69 9.35 -6.47 16.56
C TYR A 69 9.68 -6.09 15.12
N ALA A 70 9.76 -4.81 14.86
CA ALA A 70 10.00 -4.32 13.51
C ALA A 70 11.43 -4.67 13.05
N ARG A 71 12.40 -4.50 13.94
CA ARG A 71 13.79 -4.76 13.60
CA ARG A 71 13.80 -4.78 13.60
C ARG A 71 14.03 -6.23 13.21
N THR A 72 13.34 -7.14 13.88
CA THR A 72 13.59 -8.56 13.68
C THR A 72 12.62 -9.23 12.72
N ALA A 73 11.62 -8.48 12.24
CA ALA A 73 10.55 -9.05 11.43
C ALA A 73 11.08 -9.86 10.24
N ALA A 74 11.96 -9.24 9.45
CA ALA A 74 12.52 -9.90 8.27
C ALA A 74 13.31 -11.16 8.61
N GLU A 75 14.18 -11.09 9.61
CA GLU A 75 14.99 -12.25 9.93
C GLU A 75 14.10 -13.38 10.47
N ARG A 76 12.93 -13.02 11.00
CA ARG A 76 11.96 -14.04 11.45
C ARG A 76 11.14 -14.64 10.30
N GLY A 77 11.30 -14.15 9.08
CA GLY A 77 10.62 -14.73 7.94
C GLY A 77 9.34 -14.00 7.55
N LEU A 78 8.98 -12.93 8.25
CA LEU A 78 7.82 -12.14 7.84
C LEU A 78 8.09 -11.47 6.51
N ASN A 79 7.05 -11.35 5.69
CA ASN A 79 7.14 -10.70 4.38
C ASN A 79 6.43 -9.36 4.35
N VAL A 80 5.34 -9.26 5.09
CA VAL A 80 4.49 -8.08 5.07
C VAL A 80 4.01 -7.84 6.49
N ILE A 81 3.98 -6.59 6.89
CA ILE A 81 3.35 -6.22 8.15
C ILE A 81 2.13 -5.34 7.92
N ILE A 82 1.07 -5.72 8.61
CA ILE A 82 -0.18 -4.96 8.65
C ILE A 82 -0.30 -4.38 10.03
N ALA A 83 -0.34 -3.05 10.12
CA ALA A 83 -0.34 -2.34 11.37
C ALA A 83 -1.57 -1.42 11.43
N GLY A 84 -2.34 -1.55 12.50
CA GLY A 84 -3.52 -0.75 12.70
C GLY A 84 -3.48 0.04 13.99
N ALA A 85 -3.93 1.29 13.94
CA ALA A 85 -4.04 2.09 15.16
C ALA A 85 -4.95 3.26 14.90
N GLY A 86 -5.38 3.89 16.00
CA GLY A 86 -6.25 5.05 15.94
C GLY A 86 -5.73 6.26 16.70
N GLY A 87 -6.27 7.41 16.33
CA GLY A 87 -5.89 8.69 16.90
C GLY A 87 -4.60 9.20 16.26
N ALA A 88 -3.66 9.62 17.10
CA ALA A 88 -2.29 9.84 16.68
C ALA A 88 -1.67 8.48 16.40
N ALA A 89 -1.98 7.96 15.24
CA ALA A 89 -1.75 6.57 14.93
C ALA A 89 -0.36 6.36 14.33
N HIS A 90 0.65 6.20 15.17
CA HIS A 90 2.02 6.19 14.71
C HIS A 90 2.60 4.80 14.54
N LEU A 91 1.81 3.78 14.87
CA LEU A 91 2.30 2.41 14.85
C LEU A 91 2.80 1.99 13.45
N PRO A 92 1.99 2.21 12.39
CA PRO A 92 2.50 1.78 11.07
C PRO A 92 3.81 2.49 10.65
N GLY A 93 3.87 3.80 10.84
CA GLY A 93 5.01 4.55 10.36
C GLY A 93 6.28 4.22 11.13
N MET A 94 6.16 4.10 12.46
CA MET A 94 7.32 3.76 13.25
C MET A 94 7.74 2.30 13.04
N CYS A 95 6.80 1.42 12.71
CA CYS A 95 7.19 0.07 12.32
C CYS A 95 8.01 0.13 11.03
N ALA A 96 7.54 0.88 10.04
CA ALA A 96 8.26 1.02 8.78
C ALA A 96 9.62 1.66 8.97
N ALA A 97 9.76 2.50 10.00
CA ALA A 97 11.04 3.12 10.30
C ALA A 97 12.13 2.09 10.57
N TRP A 98 11.78 0.96 11.18
CA TRP A 98 12.76 -0.06 11.57
C TRP A 98 12.81 -1.30 10.68
N THR A 99 11.83 -1.51 9.79
CA THR A 99 11.87 -2.66 8.91
C THR A 99 12.00 -2.23 7.46
N ARG A 100 12.68 -3.06 6.66
CA ARG A 100 12.71 -2.89 5.21
C ARG A 100 11.49 -3.55 4.55
N LEU A 101 10.72 -4.30 5.31
CA LEU A 101 9.54 -4.95 4.78
C LEU A 101 8.45 -3.94 4.42
N PRO A 102 7.57 -4.30 3.46
CA PRO A 102 6.41 -3.44 3.23
C PRO A 102 5.49 -3.46 4.44
N VAL A 103 5.11 -2.25 4.85
CA VAL A 103 4.17 -2.06 5.92
C VAL A 103 2.90 -1.42 5.36
N LEU A 104 1.77 -2.04 5.71
CA LEU A 104 0.44 -1.60 5.33
C LEU A 104 -0.25 -1.05 6.59
N GLY A 105 -0.91 0.09 6.45
CA GLY A 105 -1.47 0.78 7.60
C GLY A 105 -2.98 0.82 7.53
N VAL A 106 -3.61 0.49 8.65
CA VAL A 106 -5.06 0.52 8.77
C VAL A 106 -5.42 1.62 9.79
N PRO A 107 -6.02 2.73 9.31
CA PRO A 107 -6.54 3.75 10.23
C PRO A 107 -7.76 3.24 10.97
N VAL A 108 -7.66 3.10 12.28
CA VAL A 108 -8.81 2.69 13.08
C VAL A 108 -9.71 3.91 13.32
N GLU A 109 -11.00 3.70 13.20
CA GLU A 109 -11.96 4.76 13.44
C GLU A 109 -11.89 5.20 14.87
N SER A 110 -11.50 6.44 15.09
CA SER A 110 -11.51 7.06 16.41
C SER A 110 -12.87 7.62 16.77
N ARG A 111 -13.09 7.82 18.06
CA ARG A 111 -14.38 8.24 18.56
C ARG A 111 -14.77 9.64 18.09
N ALA A 112 -13.92 10.63 18.32
CA ALA A 112 -14.30 12.00 18.05
C ALA A 112 -14.19 12.29 16.55
N LEU A 113 -13.03 12.04 15.99
CA LEU A 113 -12.72 12.49 14.65
C LEU A 113 -12.87 11.39 13.59
N LYS A 114 -13.45 10.25 13.97
CA LYS A 114 -13.94 9.28 12.99
C LYS A 114 -12.84 8.72 12.12
N GLY A 115 -11.62 8.71 12.65
CA GLY A 115 -10.47 8.18 11.95
C GLY A 115 -9.79 9.14 10.99
N MET A 116 -10.22 10.40 10.92
CA MET A 116 -9.51 11.36 10.10
CA MET A 116 -9.50 11.36 10.11
C MET A 116 -8.12 11.61 10.72
N ASP A 117 -8.05 11.65 12.05
CA ASP A 117 -6.75 11.77 12.71
C ASP A 117 -5.91 10.52 12.42
N SER A 118 -6.50 9.34 12.57
CA SER A 118 -5.81 8.08 12.24
C SER A 118 -5.27 8.10 10.80
N LEU A 119 -6.11 8.57 9.88
CA LEU A 119 -5.80 8.52 8.46
C LEU A 119 -4.61 9.42 8.18
N LEU A 120 -4.70 10.68 8.62
CA LEU A 120 -3.63 11.63 8.33
C LEU A 120 -2.33 11.25 9.02
N SER A 121 -2.40 10.69 10.23
CA SER A 121 -1.24 10.22 10.99
CA SER A 121 -1.16 10.34 10.92
C SER A 121 -0.50 9.10 10.29
N ILE A 122 -1.25 8.33 9.50
CA ILE A 122 -0.67 7.18 8.82
C ILE A 122 -0.25 7.49 7.38
N VAL A 123 -1.12 8.12 6.60
CA VAL A 123 -0.90 8.23 5.15
C VAL A 123 0.15 9.31 4.82
N GLN A 124 0.27 10.34 5.66
CA GLN A 124 1.07 11.51 5.29
C GLN A 124 2.57 11.36 5.61
N MET A 125 3.08 10.15 5.51
CA MET A 125 4.50 9.89 5.71
C MET A 125 5.36 10.68 4.73
N PRO A 126 6.39 11.37 5.24
CA PRO A 126 7.34 12.04 4.35
C PRO A 126 8.09 11.04 3.49
N GLY A 127 8.75 11.51 2.44
CA GLY A 127 9.49 10.64 1.57
C GLY A 127 10.59 9.89 2.29
N GLY A 128 10.72 8.61 2.00
CA GLY A 128 11.82 7.84 2.55
C GLY A 128 11.36 6.64 3.36
N VAL A 129 10.19 6.73 3.96
CA VAL A 129 9.67 5.65 4.80
C VAL A 129 8.18 5.52 4.52
N PRO A 130 7.81 4.58 3.63
CA PRO A 130 6.44 4.48 3.18
C PRO A 130 5.52 3.66 4.09
N VAL A 131 4.24 3.98 4.12
CA VAL A 131 3.24 3.06 4.66
C VAL A 131 2.15 3.05 3.61
N GLY A 132 1.84 1.86 3.09
CA GLY A 132 0.70 1.71 2.19
C GLY A 132 -0.58 1.73 3.01
N THR A 133 -1.39 2.78 2.84
CA THR A 133 -2.53 3.03 3.71
C THR A 133 -3.82 2.59 3.04
N LEU A 134 -4.66 1.95 3.85
CA LEU A 134 -5.98 1.48 3.43
C LEU A 134 -7.06 2.34 4.10
N ALA A 135 -8.31 2.08 3.75
CA ALA A 135 -9.44 2.85 4.20
C ALA A 135 -9.58 2.82 5.73
N ILE A 136 -10.22 3.85 6.28
CA ILE A 136 -10.58 3.85 7.69
C ILE A 136 -11.48 2.65 8.00
N GLY A 137 -11.16 1.92 9.06
CA GLY A 137 -12.09 0.96 9.61
C GLY A 137 -11.99 -0.43 9.01
N ALA A 138 -13.04 -1.19 9.20
CA ALA A 138 -13.05 -2.61 8.89
C ALA A 138 -12.72 -2.89 7.42
N SER A 139 -13.22 -2.07 6.50
CA SER A 139 -12.91 -2.28 5.08
CA SER A 139 -12.93 -2.26 5.08
C SER A 139 -11.41 -2.17 4.84
N GLY A 140 -10.74 -1.25 5.54
CA GLY A 140 -9.31 -1.09 5.37
C GLY A 140 -8.56 -2.28 5.95
N ALA A 141 -9.06 -2.82 7.06
CA ALA A 141 -8.43 -4.00 7.66
C ALA A 141 -8.53 -5.17 6.70
N LYS A 142 -9.72 -5.38 6.13
CA LYS A 142 -9.90 -6.43 5.12
C LYS A 142 -8.99 -6.20 3.93
N ASN A 143 -8.88 -4.96 3.50
CA ASN A 143 -8.10 -4.69 2.30
C ASN A 143 -6.62 -4.73 2.55
N ALA A 144 -6.19 -4.49 3.79
CA ALA A 144 -4.79 -4.62 4.12
C ALA A 144 -4.41 -6.11 3.95
N ALA A 145 -5.27 -7.01 4.38
CA ALA A 145 -5.01 -8.44 4.24
C ALA A 145 -5.01 -8.85 2.77
N LEU A 146 -5.97 -8.36 1.98
CA LEU A 146 -6.00 -8.64 0.54
C LEU A 146 -4.78 -8.10 -0.18
N LEU A 147 -4.34 -6.90 0.21
CA LEU A 147 -3.15 -6.31 -0.40
C LEU A 147 -1.91 -7.15 -0.04
N ALA A 148 -1.77 -7.52 1.23
CA ALA A 148 -0.70 -8.43 1.64
C ALA A 148 -0.77 -9.69 0.80
N ALA A 149 -1.97 -10.23 0.60
CA ALA A 149 -2.12 -11.45 -0.21
C ALA A 149 -1.63 -11.26 -1.66
N SER A 150 -1.98 -10.11 -2.24
CA SER A 150 -1.61 -9.82 -3.63
C SER A 150 -0.09 -9.65 -3.74
N ILE A 151 0.54 -9.23 -2.65
CA ILE A 151 2.01 -9.16 -2.61
C ILE A 151 2.63 -10.56 -2.54
N LEU A 152 2.15 -11.38 -1.63
CA LEU A 152 2.65 -12.76 -1.49
C LEU A 152 2.39 -13.58 -2.75
N ALA A 153 1.30 -13.24 -3.44
CA ALA A 153 0.88 -14.00 -4.61
C ALA A 153 1.90 -13.88 -5.73
N LEU A 154 2.68 -12.80 -5.70
CA LEU A 154 3.72 -12.60 -6.71
C LEU A 154 4.73 -13.73 -6.74
N TYR A 155 4.93 -14.43 -5.63
CA TYR A 155 5.97 -15.46 -5.55
CA TYR A 155 5.95 -15.49 -5.60
C TYR A 155 5.43 -16.85 -5.21
C TYR A 155 5.44 -16.75 -4.92
N ASN A 156 4.13 -16.94 -4.94
CA ASN A 156 3.50 -18.14 -4.42
C ASN A 156 2.31 -18.49 -5.33
N PRO A 157 2.54 -19.37 -6.33
CA PRO A 157 1.50 -19.71 -7.32
C PRO A 157 0.22 -20.28 -6.74
N ALA A 158 0.32 -21.13 -5.72
CA ALA A 158 -0.88 -21.71 -5.12
C ALA A 158 -1.74 -20.59 -4.51
N LEU A 159 -1.10 -19.69 -3.78
CA LEU A 159 -1.82 -18.57 -3.16
C LEU A 159 -2.37 -17.67 -4.25
N ALA A 160 -1.59 -17.41 -5.29
CA ALA A 160 -2.07 -16.62 -6.39
C ALA A 160 -3.38 -17.20 -6.96
N ALA A 161 -3.47 -18.53 -7.10
CA ALA A 161 -4.70 -19.10 -7.62
C ALA A 161 -5.84 -18.96 -6.63
N ARG A 162 -5.56 -19.09 -5.33
CA ARG A 162 -6.61 -18.90 -4.34
C ARG A 162 -7.11 -17.44 -4.30
N LEU A 163 -6.21 -16.49 -4.49
CA LEU A 163 -6.58 -15.08 -4.57
C LEU A 163 -7.42 -14.79 -5.81
N GLU A 164 -7.03 -15.39 -6.94
CA GLU A 164 -7.80 -15.27 -8.17
C GLU A 164 -9.21 -15.78 -7.93
N THR A 165 -9.33 -16.93 -7.31
CA THR A 165 -10.64 -17.49 -6.97
C THR A 165 -11.43 -16.52 -6.07
N TRP A 166 -10.78 -15.97 -5.04
CA TRP A 166 -11.42 -15.03 -4.11
C TRP A 166 -11.98 -13.82 -4.85
N ARG A 167 -11.16 -13.22 -5.69
CA ARG A 167 -11.58 -12.05 -6.50
C ARG A 167 -12.70 -12.43 -7.47
N ALA A 168 -12.61 -13.62 -8.07
CA ALA A 168 -13.63 -14.05 -9.02
C ALA A 168 -14.96 -14.26 -8.30
N LEU A 169 -14.91 -14.81 -7.09
CA LEU A 169 -16.11 -15.07 -6.32
C LEU A 169 -16.73 -13.74 -5.88
N GLN A 170 -15.89 -12.79 -5.48
CA GLN A 170 -16.39 -11.46 -5.11
C GLN A 170 -17.19 -10.86 -6.28
N THR A 171 -16.61 -10.91 -7.47
CA THR A 171 -17.21 -10.32 -8.65
C THR A 171 -18.48 -11.05 -9.01
N ALA A 172 -18.40 -12.37 -9.05
CA ALA A 172 -19.54 -13.15 -9.51
C ALA A 172 -20.72 -13.05 -8.53
N SER A 173 -20.43 -12.79 -7.26
CA SER A 173 -21.46 -12.87 -6.22
CA SER A 173 -21.45 -12.85 -6.21
C SER A 173 -22.30 -11.59 -6.10
N VAL A 174 -21.86 -10.50 -6.71
CA VAL A 174 -22.60 -9.25 -6.62
C VAL A 174 -23.98 -9.44 -7.30
N PRO A 175 -25.07 -9.23 -6.56
CA PRO A 175 -26.40 -9.38 -7.18
C PRO A 175 -26.61 -8.37 -8.28
N ASN A 176 -27.54 -8.66 -9.17
CA ASN A 176 -27.84 -7.74 -10.25
C ASN A 176 -28.79 -6.63 -9.84
N SER A 177 -29.60 -6.88 -8.82
CA SER A 177 -30.53 -5.85 -8.40
C SER A 177 -30.79 -5.95 -6.91
N PRO A 178 -31.17 -4.82 -6.30
CA PRO A 178 -31.39 -4.84 -4.85
C PRO A 178 -32.57 -5.67 -4.43
N ILE A 179 -32.47 -6.27 -3.26
CA ILE A 179 -33.62 -6.84 -2.56
C ILE A 179 -34.37 -5.75 -1.80
N THR A 180 -35.68 -5.70 -1.98
CA THR A 180 -36.51 -4.72 -1.28
C THR A 180 -37.29 -5.36 -0.14
N SER B 21 15.47 -5.97 -18.20
CA SER B 21 15.03 -4.69 -18.77
C SER B 21 13.51 -4.63 -18.98
N ALA B 22 12.84 -5.78 -19.05
CA ALA B 22 11.37 -5.81 -19.11
C ALA B 22 10.76 -5.20 -17.83
N PRO B 23 9.73 -4.34 -17.99
CA PRO B 23 9.26 -3.62 -16.80
C PRO B 23 8.59 -4.55 -15.78
N VAL B 24 8.82 -4.31 -14.50
CA VAL B 24 8.16 -5.07 -13.45
C VAL B 24 7.26 -4.15 -12.63
N VAL B 25 7.36 -2.85 -12.86
CA VAL B 25 6.45 -1.87 -12.27
C VAL B 25 5.87 -0.99 -13.36
N GLY B 26 4.58 -0.70 -13.27
CA GLY B 26 3.96 0.26 -14.17
C GLY B 26 3.58 1.51 -13.39
N ILE B 27 4.07 2.65 -13.82
CA ILE B 27 3.62 3.93 -13.30
C ILE B 27 2.60 4.49 -14.28
N ILE B 28 1.38 4.72 -13.82
CA ILE B 28 0.35 5.35 -14.66
C ILE B 28 -0.18 6.59 -13.97
N MET B 29 -0.59 7.56 -14.77
CA MET B 29 -1.09 8.82 -14.23
C MET B 29 -2.17 9.37 -15.15
N GLY B 30 -3.08 10.13 -14.57
CA GLY B 30 -4.24 10.60 -15.30
C GLY B 30 -3.98 11.67 -16.34
N SER B 31 -2.91 12.41 -16.21
CA SER B 31 -2.61 13.51 -17.13
C SER B 31 -1.16 13.98 -17.05
N GLN B 32 -0.77 14.72 -18.07
CA GLN B 32 0.55 15.34 -18.08
C GLN B 32 0.76 16.20 -16.82
N SER B 33 -0.30 16.82 -16.33
CA SER B 33 -0.16 17.68 -15.16
CA SER B 33 -0.19 17.67 -15.15
CA SER B 33 -0.24 17.66 -15.13
C SER B 33 0.23 16.87 -13.92
N ASP B 34 0.00 15.56 -13.97
CA ASP B 34 0.41 14.67 -12.87
C ASP B 34 1.91 14.36 -12.87
N TRP B 35 2.58 14.57 -14.00
CA TRP B 35 3.98 14.17 -14.12
C TRP B 35 4.93 14.91 -13.15
N GLU B 36 4.64 16.16 -12.84
CA GLU B 36 5.48 16.92 -11.91
C GLU B 36 5.60 16.19 -10.56
N THR B 37 4.53 15.51 -10.19
CA THR B 37 4.50 14.67 -9.01
C THR B 37 5.05 13.26 -9.23
N MET B 38 4.60 12.59 -10.29
CA MET B 38 4.88 11.18 -10.49
C MET B 38 6.31 10.92 -10.96
N ARG B 39 6.95 11.95 -11.48
CA ARG B 39 8.36 11.83 -11.88
C ARG B 39 9.25 11.42 -10.69
N HIS B 40 8.81 11.71 -9.47
CA HIS B 40 9.59 11.29 -8.31
C HIS B 40 9.55 9.77 -8.10
N ALA B 41 8.42 9.16 -8.46
CA ALA B 41 8.36 7.69 -8.43
C ALA B 41 9.28 7.10 -9.50
N ASP B 42 9.23 7.67 -10.70
CA ASP B 42 10.09 7.24 -11.81
C ASP B 42 11.57 7.30 -11.43
N ALA B 43 12.01 8.44 -10.91
CA ALA B 43 13.40 8.65 -10.51
C ALA B 43 13.84 7.61 -9.46
N LEU B 44 13.01 7.35 -8.47
CA LEU B 44 13.41 6.44 -7.41
C LEU B 44 13.52 5.00 -7.92
N LEU B 45 12.60 4.59 -8.78
CA LEU B 45 12.72 3.25 -9.36
C LEU B 45 14.00 3.13 -10.19
N THR B 46 14.32 4.14 -10.99
CA THR B 46 15.57 4.12 -11.75
C THR B 46 16.78 4.07 -10.81
N GLU B 47 16.75 4.85 -9.73
CA GLU B 47 17.85 4.86 -8.76
C GLU B 47 18.10 3.48 -8.17
N LEU B 48 17.02 2.72 -7.98
CA LEU B 48 17.13 1.39 -7.39
C LEU B 48 17.25 0.30 -8.47
N GLU B 49 17.34 0.73 -9.73
CA GLU B 49 17.49 -0.17 -10.87
C GLU B 49 16.32 -1.12 -10.99
N ILE B 50 15.12 -0.57 -10.91
CA ILE B 50 13.90 -1.35 -11.06
C ILE B 50 13.33 -1.01 -12.42
N PRO B 51 13.37 -1.97 -13.36
CA PRO B 51 12.84 -1.69 -14.69
C PRO B 51 11.36 -1.40 -14.65
N HIS B 52 10.90 -0.37 -15.36
CA HIS B 52 9.51 0.06 -15.26
C HIS B 52 9.05 0.81 -16.50
N GLU B 53 7.74 0.95 -16.66
CA GLU B 53 7.17 1.76 -17.71
C GLU B 53 6.37 2.89 -17.09
N THR B 54 6.27 3.99 -17.82
CA THR B 54 5.63 5.19 -17.34
C THR B 54 4.65 5.71 -18.40
N LEU B 55 3.37 5.74 -18.04
CA LEU B 55 2.33 6.03 -19.01
C LEU B 55 1.29 7.02 -18.49
N ILE B 56 0.62 7.68 -19.42
CA ILE B 56 -0.61 8.41 -19.10
C ILE B 56 -1.79 7.51 -19.45
N VAL B 57 -2.66 7.30 -18.47
CA VAL B 57 -3.93 6.58 -18.66
C VAL B 57 -4.99 7.34 -17.92
N SER B 58 -6.02 7.82 -18.64
CA SER B 58 -7.12 8.55 -17.99
C SER B 58 -8.30 7.63 -17.73
N ALA B 59 -8.66 7.55 -16.46
CA ALA B 59 -9.79 6.71 -16.05
C ALA B 59 -11.05 7.20 -16.72
N HIS B 60 -11.18 8.52 -16.92
CA HIS B 60 -12.45 9.03 -17.40
C HIS B 60 -12.40 9.37 -18.90
N ARG B 61 -11.24 9.72 -19.42
CA ARG B 61 -11.09 10.02 -20.83
C ARG B 61 -10.72 8.79 -21.68
N THR B 62 -10.08 7.82 -21.08
CA THR B 62 -9.71 6.60 -21.80
C THR B 62 -10.02 5.37 -20.95
N PRO B 63 -11.29 5.19 -20.60
CA PRO B 63 -11.64 4.09 -19.68
C PRO B 63 -11.29 2.71 -20.26
N ASP B 64 -11.44 2.51 -21.57
CA ASP B 64 -11.09 1.20 -22.16
C ASP B 64 -9.59 0.94 -22.23
N ARG B 65 -8.82 2.00 -22.42
CA ARG B 65 -7.37 1.92 -22.33
C ARG B 65 -6.99 1.49 -20.93
N LEU B 66 -7.63 2.05 -19.93
CA LEU B 66 -7.38 1.63 -18.55
C LEU B 66 -7.77 0.17 -18.33
N ALA B 67 -8.99 -0.20 -18.73
CA ALA B 67 -9.41 -1.60 -18.56
C ALA B 67 -8.36 -2.55 -19.17
N ASP B 68 -7.92 -2.27 -20.38
CA ASP B 68 -6.97 -3.15 -21.06
CA ASP B 68 -6.96 -3.13 -21.08
C ASP B 68 -5.60 -3.13 -20.38
N TYR B 69 -5.16 -1.97 -19.92
CA TYR B 69 -3.85 -1.85 -19.27
C TYR B 69 -3.84 -2.71 -18.01
N ALA B 70 -4.87 -2.55 -17.19
CA ALA B 70 -4.96 -3.21 -15.90
C ALA B 70 -5.23 -4.72 -16.06
N ARG B 71 -6.17 -5.07 -16.94
N ARG B 71 -6.12 -5.11 -16.96
CA ARG B 71 -6.46 -6.49 -17.21
CA ARG B 71 -6.43 -6.52 -17.09
C ARG B 71 -5.20 -7.24 -17.59
C ARG B 71 -5.28 -7.30 -17.73
N THR B 72 -4.38 -6.65 -18.46
CA THR B 72 -3.23 -7.36 -19.03
C THR B 72 -1.90 -7.17 -18.29
N ALA B 73 -1.88 -6.36 -17.23
CA ALA B 73 -0.61 -6.04 -16.56
C ALA B 73 0.16 -7.29 -16.11
N ALA B 74 -0.54 -8.21 -15.45
CA ALA B 74 0.13 -9.38 -14.89
C ALA B 74 0.72 -10.27 -15.99
N GLU B 75 -0.01 -10.42 -17.09
CA GLU B 75 0.46 -11.32 -18.14
C GLU B 75 1.59 -10.64 -18.87
N ARG B 76 1.67 -9.33 -18.79
CA ARG B 76 2.77 -8.60 -19.41
CA ARG B 76 2.77 -8.60 -19.41
C ARG B 76 4.01 -8.62 -18.51
N GLY B 77 3.88 -9.21 -17.32
CA GLY B 77 5.01 -9.35 -16.41
C GLY B 77 5.14 -8.25 -15.36
N LEU B 78 4.17 -7.33 -15.28
CA LEU B 78 4.20 -6.35 -14.22
C LEU B 78 3.91 -7.04 -12.89
N ASN B 79 4.52 -6.52 -11.82
CA ASN B 79 4.32 -7.04 -10.48
C ASN B 79 3.58 -6.03 -9.58
N VAL B 80 3.78 -4.73 -9.85
CA VAL B 80 3.19 -3.68 -9.06
C VAL B 80 2.78 -2.54 -9.97
N ILE B 81 1.62 -1.95 -9.70
CA ILE B 81 1.24 -0.72 -10.38
CA ILE B 81 1.22 -0.72 -10.39
C ILE B 81 1.20 0.43 -9.40
N ILE B 82 1.83 1.53 -9.79
CA ILE B 82 1.75 2.80 -9.09
C ILE B 82 0.88 3.71 -9.95
N ALA B 83 -0.21 4.17 -9.37
CA ALA B 83 -1.17 5.00 -10.10
C ALA B 83 -1.33 6.31 -9.37
N GLY B 84 -1.20 7.40 -10.11
CA GLY B 84 -1.34 8.74 -9.55
C GLY B 84 -2.41 9.56 -10.26
N ALA B 85 -3.23 10.24 -9.49
CA ALA B 85 -4.23 11.17 -10.04
C ALA B 85 -4.73 12.15 -8.98
N GLY B 86 -5.34 13.23 -9.42
CA GLY B 86 -5.87 14.25 -8.53
C GLY B 86 -7.34 14.59 -8.73
N GLY B 87 -7.89 15.26 -7.72
CA GLY B 87 -9.31 15.58 -7.71
C GLY B 87 -10.14 14.37 -7.35
N ALA B 88 -11.22 14.14 -8.09
CA ALA B 88 -11.95 12.88 -8.03
C ALA B 88 -11.05 11.86 -8.71
N ALA B 89 -10.20 11.22 -7.92
CA ALA B 89 -9.10 10.43 -8.42
C ALA B 89 -9.44 8.94 -8.47
N HIS B 90 -9.98 8.52 -9.63
CA HIS B 90 -10.48 7.17 -9.76
C HIS B 90 -9.47 6.21 -10.37
N LEU B 91 -8.37 6.72 -10.90
CA LEU B 91 -7.45 5.91 -11.68
C LEU B 91 -6.91 4.71 -10.86
N PRO B 92 -6.46 4.95 -9.62
CA PRO B 92 -5.91 3.81 -8.86
C PRO B 92 -6.96 2.73 -8.55
N GLY B 93 -8.14 3.16 -8.13
CA GLY B 93 -9.17 2.23 -7.72
C GLY B 93 -9.68 1.41 -8.88
N MET B 94 -9.90 2.06 -10.03
CA MET B 94 -10.36 1.32 -11.19
C MET B 94 -9.26 0.40 -11.75
N CYS B 95 -8.02 0.82 -11.66
CA CYS B 95 -6.92 -0.07 -12.01
C CYS B 95 -6.98 -1.34 -11.14
N ALA B 96 -7.15 -1.15 -9.84
CA ALA B 96 -7.20 -2.27 -8.92
C ALA B 96 -8.40 -3.17 -9.19
N ALA B 97 -9.49 -2.59 -9.68
CA ALA B 97 -10.69 -3.37 -10.04
C ALA B 97 -10.38 -4.44 -11.07
N TRP B 98 -9.46 -4.13 -12.00
CA TRP B 98 -9.20 -5.00 -13.14
C TRP B 98 -7.92 -5.81 -13.08
N THR B 99 -7.05 -5.56 -12.11
CA THR B 99 -5.86 -6.37 -11.92
C THR B 99 -5.88 -7.08 -10.57
N ARG B 100 -5.20 -8.23 -10.49
CA ARG B 100 -5.03 -8.94 -9.22
C ARG B 100 -3.72 -8.49 -8.57
N LEU B 101 -2.91 -7.72 -9.30
CA LEU B 101 -1.67 -7.17 -8.75
C LEU B 101 -1.89 -6.12 -7.65
N PRO B 102 -0.90 -5.95 -6.77
CA PRO B 102 -0.98 -4.83 -5.82
C PRO B 102 -0.96 -3.49 -6.54
N VAL B 103 -1.92 -2.63 -6.22
CA VAL B 103 -1.97 -1.28 -6.76
C VAL B 103 -1.71 -0.28 -5.64
N LEU B 104 -0.75 0.61 -5.88
CA LEU B 104 -0.39 1.68 -4.96
C LEU B 104 -0.87 3.01 -5.56
N GLY B 105 -1.50 3.85 -4.74
CA GLY B 105 -2.13 5.06 -5.24
C GLY B 105 -1.44 6.29 -4.67
N VAL B 106 -1.17 7.24 -5.55
CA VAL B 106 -0.58 8.51 -5.17
C VAL B 106 -1.59 9.64 -5.36
N PRO B 107 -2.04 10.25 -4.25
CA PRO B 107 -2.90 11.42 -4.39
C PRO B 107 -2.13 12.63 -4.88
N VAL B 108 -2.45 13.09 -6.08
CA VAL B 108 -1.82 14.28 -6.63
C VAL B 108 -2.51 15.49 -6.05
N GLU B 109 -1.71 16.48 -5.64
CA GLU B 109 -2.26 17.67 -5.00
C GLU B 109 -3.17 18.38 -5.99
N SER B 110 -4.35 18.75 -5.52
CA SER B 110 -5.31 19.49 -6.35
C SER B 110 -5.29 20.96 -5.96
N ARG B 111 -5.73 21.80 -6.89
CA ARG B 111 -5.68 23.25 -6.73
C ARG B 111 -6.51 23.73 -5.53
N ALA B 112 -7.81 23.47 -5.53
CA ALA B 112 -8.68 24.08 -4.53
C ALA B 112 -8.55 23.35 -3.19
N LEU B 113 -8.70 22.03 -3.22
CA LEU B 113 -8.80 21.26 -1.98
C LEU B 113 -7.50 20.58 -1.56
N LYS B 114 -6.41 20.91 -2.25
CA LYS B 114 -5.05 20.61 -1.76
C LYS B 114 -4.77 19.14 -1.65
N GLY B 115 -5.46 18.36 -2.48
CA GLY B 115 -5.27 16.92 -2.49
C GLY B 115 -6.15 16.18 -1.50
N MET B 116 -7.02 16.86 -0.74
CA MET B 116 -7.89 16.15 0.19
CA MET B 116 -7.90 16.16 0.19
C MET B 116 -8.93 15.36 -0.60
N ASP B 117 -9.43 15.92 -1.70
CA ASP B 117 -10.29 15.14 -2.59
C ASP B 117 -9.52 13.96 -3.23
N SER B 118 -8.30 14.22 -3.69
CA SER B 118 -7.44 13.13 -4.20
C SER B 118 -7.28 12.01 -3.19
N LEU B 119 -6.95 12.41 -1.96
CA LEU B 119 -6.69 11.45 -0.89
C LEU B 119 -7.91 10.57 -0.60
N LEU B 120 -9.05 11.20 -0.31
CA LEU B 120 -10.23 10.45 0.08
C LEU B 120 -10.76 9.61 -1.08
N SER B 121 -10.66 10.11 -2.32
CA SER B 121 -11.10 9.39 -3.52
CA SER B 121 -11.18 9.35 -3.44
C SER B 121 -10.26 8.16 -3.78
N ILE B 122 -9.03 8.16 -3.28
CA ILE B 122 -8.11 7.01 -3.47
C ILE B 122 -8.13 6.04 -2.28
N VAL B 123 -8.03 6.57 -1.05
CA VAL B 123 -7.79 5.70 0.08
C VAL B 123 -9.05 4.95 0.55
N GLN B 124 -10.23 5.53 0.35
CA GLN B 124 -11.45 5.02 0.97
C GLN B 124 -12.11 3.88 0.18
N MET B 125 -11.28 3.04 -0.43
CA MET B 125 -11.77 1.85 -1.13
C MET B 125 -12.56 0.92 -0.20
N PRO B 126 -13.73 0.48 -0.66
CA PRO B 126 -14.49 -0.47 0.15
C PRO B 126 -13.85 -1.84 0.14
N GLY B 127 -14.31 -2.73 1.02
CA GLY B 127 -13.70 -4.03 1.19
C GLY B 127 -13.70 -4.87 -0.08
N GLY B 128 -12.54 -5.43 -0.42
CA GLY B 128 -12.44 -6.37 -1.51
C GLY B 128 -11.55 -5.90 -2.65
N VAL B 129 -11.29 -4.60 -2.74
CA VAL B 129 -10.44 -4.07 -3.80
C VAL B 129 -9.50 -3.04 -3.20
N PRO B 130 -8.33 -3.48 -2.78
CA PRO B 130 -7.39 -2.58 -2.10
C PRO B 130 -6.68 -1.60 -3.04
N VAL B 131 -6.37 -0.41 -2.52
CA VAL B 131 -5.34 0.43 -3.07
C VAL B 131 -4.47 0.88 -1.89
N GLY B 132 -3.19 0.54 -1.96
CA GLY B 132 -2.24 0.97 -0.94
C GLY B 132 -1.89 2.44 -1.19
N THR B 133 -2.32 3.33 -0.30
CA THR B 133 -2.25 4.76 -0.60
C THR B 133 -1.08 5.42 0.11
N LEU B 134 -0.46 6.37 -0.58
CA LEU B 134 0.68 7.11 -0.05
C LEU B 134 0.30 8.58 0.14
N ALA B 135 1.24 9.37 0.67
CA ALA B 135 0.98 10.75 1.00
C ALA B 135 0.57 11.58 -0.21
N ILE B 136 -0.16 12.66 0.03
CA ILE B 136 -0.40 13.66 -0.99
C ILE B 136 0.93 14.18 -1.57
N GLY B 137 1.06 14.15 -2.89
CA GLY B 137 2.11 14.91 -3.56
C GLY B 137 3.41 14.16 -3.75
N ALA B 138 4.51 14.91 -3.91
CA ALA B 138 5.83 14.33 -4.24
C ALA B 138 6.32 13.24 -3.27
N SER B 139 6.14 13.48 -1.98
CA SER B 139 6.46 12.46 -0.96
C SER B 139 5.76 11.14 -1.21
N GLY B 140 4.48 11.20 -1.55
CA GLY B 140 3.74 10.01 -1.84
C GLY B 140 4.25 9.29 -3.07
N ALA B 141 4.67 10.05 -4.08
CA ALA B 141 5.15 9.42 -5.30
C ALA B 141 6.47 8.70 -4.99
N LYS B 142 7.34 9.38 -4.27
CA LYS B 142 8.60 8.79 -3.87
C LYS B 142 8.35 7.52 -3.04
N ASN B 143 7.43 7.60 -2.10
CA ASN B 143 7.15 6.47 -1.24
C ASN B 143 6.43 5.33 -1.93
N ALA B 144 5.68 5.62 -2.98
CA ALA B 144 5.06 4.54 -3.76
C ALA B 144 6.15 3.73 -4.43
N ALA B 145 7.16 4.41 -4.93
CA ALA B 145 8.30 3.71 -5.55
C ALA B 145 9.08 2.90 -4.50
N LEU B 146 9.30 3.47 -3.32
CA LEU B 146 9.98 2.74 -2.25
C LEU B 146 9.15 1.55 -1.78
N LEU B 147 7.84 1.74 -1.69
CA LEU B 147 6.97 0.64 -1.28
C LEU B 147 7.00 -0.46 -2.32
N ALA B 148 6.89 -0.09 -3.59
CA ALA B 148 7.02 -1.07 -4.68
C ALA B 148 8.39 -1.81 -4.60
N ALA B 149 9.45 -1.08 -4.30
CA ALA B 149 10.77 -1.69 -4.18
C ALA B 149 10.79 -2.70 -3.03
N SER B 150 10.16 -2.36 -1.90
CA SER B 150 10.19 -3.27 -0.75
CA SER B 150 10.13 -3.25 -0.73
C SER B 150 9.39 -4.54 -1.05
N ILE B 151 8.37 -4.42 -1.89
CA ILE B 151 7.61 -5.57 -2.34
C ILE B 151 8.46 -6.45 -3.21
N LEU B 152 9.11 -5.86 -4.22
CA LEU B 152 9.95 -6.62 -5.14
C LEU B 152 11.16 -7.21 -4.43
N ALA B 153 11.64 -6.51 -3.42
CA ALA B 153 12.83 -6.94 -2.66
C ALA B 153 12.59 -8.27 -1.95
N LEU B 154 11.33 -8.62 -1.73
CA LEU B 154 11.00 -9.87 -1.05
C LEU B 154 11.50 -11.10 -1.82
N TYR B 155 11.57 -11.02 -3.14
CA TYR B 155 11.96 -12.17 -3.98
CA TYR B 155 11.99 -12.17 -3.94
C TYR B 155 13.25 -11.94 -4.78
C TYR B 155 13.01 -11.75 -4.99
N ASN B 156 13.83 -10.76 -4.62
CA ASN B 156 14.96 -10.32 -5.43
C ASN B 156 16.08 -9.85 -4.51
N PRO B 157 17.02 -10.75 -4.19
CA PRO B 157 18.07 -10.42 -3.19
C PRO B 157 19.00 -9.28 -3.60
N ALA B 158 19.30 -9.15 -4.88
CA ALA B 158 20.16 -8.06 -5.32
C ALA B 158 19.45 -6.73 -5.07
N LEU B 159 18.16 -6.68 -5.40
CA LEU B 159 17.39 -5.49 -5.12
C LEU B 159 17.23 -5.26 -3.61
N ALA B 160 17.02 -6.33 -2.86
CA ALA B 160 16.91 -6.23 -1.42
C ALA B 160 18.19 -5.59 -0.84
N ALA B 161 19.35 -5.97 -1.38
CA ALA B 161 20.61 -5.39 -0.92
C ALA B 161 20.71 -3.91 -1.31
N ARG B 162 20.28 -3.56 -2.51
CA ARG B 162 20.26 -2.16 -2.92
C ARG B 162 19.32 -1.30 -2.05
N LEU B 163 18.18 -1.86 -1.64
CA LEU B 163 17.23 -1.11 -0.85
C LEU B 163 17.75 -0.90 0.57
N GLU B 164 18.41 -1.91 1.10
CA GLU B 164 19.04 -1.84 2.42
C GLU B 164 20.10 -0.76 2.42
N THR B 165 20.92 -0.77 1.38
CA THR B 165 21.93 0.26 1.25
C THR B 165 21.29 1.65 1.21
N TRP B 166 20.19 1.75 0.45
CA TRP B 166 19.49 3.02 0.29
C TRP B 166 18.94 3.49 1.64
N ARG B 167 18.26 2.61 2.37
CA ARG B 167 17.69 2.96 3.67
C ARG B 167 18.79 3.34 4.67
N ALA B 168 19.91 2.63 4.61
CA ALA B 168 21.00 2.87 5.55
C ALA B 168 21.62 4.22 5.27
N LEU B 169 21.73 4.57 4.00
CA LEU B 169 22.28 5.87 3.63
C LEU B 169 21.35 6.99 4.05
N GLN B 170 20.05 6.78 3.90
CA GLN B 170 19.10 7.79 4.34
C GLN B 170 19.31 8.05 5.84
N THR B 171 19.39 6.98 6.62
CA THR B 171 19.61 7.10 8.04
C THR B 171 20.94 7.81 8.37
N ALA B 172 22.02 7.46 7.66
CA ALA B 172 23.32 8.04 7.94
C ALA B 172 23.43 9.50 7.53
N SER B 173 22.56 9.95 6.64
CA SER B 173 22.69 11.28 6.06
C SER B 173 21.92 12.37 6.81
N VAL B 174 21.21 11.98 7.87
CA VAL B 174 20.46 12.96 8.66
C VAL B 174 21.46 13.70 9.53
N PRO B 175 21.48 15.04 9.44
CA PRO B 175 22.42 15.80 10.28
C PRO B 175 22.01 15.76 11.75
N ASN B 176 22.92 16.16 12.63
CA ASN B 176 22.64 16.16 14.05
C ASN B 176 22.05 17.46 14.57
N SER B 177 22.27 18.55 13.84
CA SER B 177 21.76 19.83 14.27
C SER B 177 21.45 20.70 13.07
N PRO B 178 20.54 21.66 13.24
CA PRO B 178 20.12 22.52 12.13
C PRO B 178 21.15 23.58 11.80
N ILE B 179 21.04 24.12 10.59
CA ILE B 179 21.85 25.25 10.14
C ILE B 179 21.04 26.52 10.28
N THR B 180 21.65 27.52 10.93
CA THR B 180 20.98 28.77 11.25
C THR B 180 21.36 29.90 10.29
N1 AIR C . -2.56 3.57 20.04
C2 AIR C . -1.94 2.75 20.93
N3 AIR C . -0.65 2.96 20.94
C4 AIR C . -0.42 3.94 19.98
C5 AIR C . -1.61 4.28 19.43
N6 AIR C . -1.83 5.21 18.50
C1' AIR C . -3.94 3.67 19.72
C2' AIR C . -4.64 2.36 19.45
C3' AIR C . -6.10 2.76 19.62
C4' AIR C . -6.06 4.04 20.50
O4' AIR C . -4.67 4.28 20.74
O2' AIR C . -4.33 1.99 18.12
O3' AIR C . -6.81 3.04 18.43
C5' AIR C . -6.74 3.82 21.82
O5' AIR C . -6.09 2.83 22.58
P AIR C . -6.76 2.53 23.99
O6 AIR C . -8.22 2.15 23.76
O7 AIR C . -6.03 1.38 24.63
O8 AIR C . -6.60 3.77 24.80
#